data_1ZHU
#
_entry.id   1ZHU
#
_cell.length_a   1.000
_cell.length_b   1.000
_cell.length_c   1.000
_cell.angle_alpha   90.00
_cell.angle_beta   90.00
_cell.angle_gamma   90.00
#
_symmetry.space_group_name_H-M   'P 1'
#
_entity_poly.entity_id   1
_entity_poly.type   'polydeoxyribonucleotide'
_entity_poly.pdbx_seq_one_letter_code
;(DC)(DA)(DA)(DT)(DG)(DC)(DA)(DA)(DT)(DG)
;
_entity_poly.pdbx_strand_id   A
#
loop_
_chem_comp.id
_chem_comp.type
_chem_comp.name
_chem_comp.formula
DA DNA linking 2'-DEOXYADENOSINE-5'-MONOPHOSPHATE 'C10 H14 N5 O6 P'
DC DNA linking 2'-DEOXYCYTIDINE-5'-MONOPHOSPHATE 'C9 H14 N3 O7 P'
DG DNA linking 2'-DEOXYGUANOSINE-5'-MONOPHOSPHATE 'C10 H14 N5 O7 P'
DT DNA linking THYMIDINE-5'-MONOPHOSPHATE 'C10 H15 N2 O8 P'
#